data_3P34
#
_entry.id   3P34
#
_cell.length_a   37.184
_cell.length_b   77.057
_cell.length_c   88.975
_cell.angle_alpha   90.00
_cell.angle_beta   90.00
_cell.angle_gamma   90.00
#
_symmetry.space_group_name_H-M   'P 21 21 21'
#
loop_
_entity.id
_entity.type
_entity.pdbx_description
1 polymer 'Serine/threonine-protein kinase PLK1'
2 polymer phosphopeptide
3 non-polymer 'SULFATE ION'
4 non-polymer GLYCEROL
5 water water
#
loop_
_entity_poly.entity_id
_entity_poly.type
_entity_poly.pdbx_seq_one_letter_code
_entity_poly.pdbx_strand_id
1 'polypeptide(L)'
;GPLGSPEFDCHLSDMLQQLHSVNASKPSERGLVRQEEAEDPACIPIFWVSKWVDYSDKYGLGYQLCDNSVGVLFNDSTRL
ILYNDGDSLQYIERDGTESYLTVSSHPNSLMKKITLLKYFRNYMSEHLLKAGANITPREGDELARLPYLRTWFRTRSAII
LHLSNGSVQINFFQDHTKLILCPLMAAVTYIDEKRDFRTYRLSLLEEYGCCKELASRLRYARTMVDKLLSSR
;
A
2 'polypeptide(L)' (ACE)MQS(TPO)PL(NH2) B
#
# COMPACT_ATOMS: atom_id res chain seq x y z
N GLY A 1 -31.17 -16.84 14.43
CA GLY A 1 -31.84 -16.40 13.17
C GLY A 1 -30.87 -16.25 12.01
N PRO A 2 -31.18 -15.35 11.06
CA PRO A 2 -30.36 -15.12 9.87
C PRO A 2 -28.94 -14.63 10.22
N LEU A 3 -27.97 -15.02 9.39
CA LEU A 3 -26.57 -14.71 9.66
C LEU A 3 -26.07 -13.55 8.78
N GLY A 4 -26.41 -13.62 7.49
CA GLY A 4 -25.81 -12.72 6.50
C GLY A 4 -24.40 -13.18 6.21
N SER A 5 -23.52 -12.23 5.90
CA SER A 5 -22.13 -12.55 5.60
C SER A 5 -21.15 -11.70 6.42
N PRO A 6 -20.92 -12.10 7.69
CA PRO A 6 -19.95 -11.38 8.54
C PRO A 6 -18.57 -11.34 7.91
N GLU A 7 -17.90 -10.20 8.01
CA GLU A 7 -16.58 -10.04 7.44
C GLU A 7 -15.52 -10.76 8.26
N PHE A 8 -15.00 -11.85 7.71
CA PHE A 8 -13.88 -12.58 8.31
C PHE A 8 -12.66 -12.28 7.40
N ASP A 9 -12.07 -11.07 7.53
CA ASP A 9 -10.99 -10.59 6.63
C ASP A 9 -9.69 -11.36 6.87
N CYS A 10 -9.34 -12.23 5.92
CA CYS A 10 -8.17 -13.08 6.02
C CYS A 10 -6.95 -12.58 5.22
N HIS A 11 -7.01 -11.36 4.69
CA HIS A 11 -5.98 -10.89 3.76
C HIS A 11 -4.57 -10.82 4.36
N LEU A 12 -4.44 -10.27 5.58
CA LEU A 12 -3.13 -10.21 6.23
C LEU A 12 -2.60 -11.59 6.59
N SER A 13 -3.49 -12.45 7.10
CA SER A 13 -3.16 -13.83 7.40
C SER A 13 -2.65 -14.55 6.15
N ASP A 14 -3.38 -14.38 5.03
CA ASP A 14 -2.99 -14.97 3.76
C ASP A 14 -1.62 -14.48 3.30
N MET A 15 -1.36 -13.18 3.48
CA MET A 15 -0.07 -12.61 3.11
CA MET A 15 -0.07 -12.60 3.12
C MET A 15 1.06 -13.24 3.91
N LEU A 16 0.86 -13.41 5.23
CA LEU A 16 1.85 -14.06 6.08
CA LEU A 16 1.87 -14.05 6.05
C LEU A 16 2.12 -15.48 5.58
N GLN A 17 1.04 -16.23 5.35
CA GLN A 17 1.14 -17.61 4.89
C GLN A 17 1.94 -17.71 3.58
N GLN A 18 1.66 -16.81 2.66
CA GLN A 18 2.37 -16.76 1.38
C GLN A 18 3.85 -16.42 1.54
N LEU A 19 4.15 -15.42 2.37
CA LEU A 19 5.54 -15.02 2.62
C LEU A 19 6.33 -16.09 3.36
N HIS A 20 5.70 -16.72 4.36
CA HIS A 20 6.35 -17.81 5.06
C HIS A 20 6.75 -18.91 4.07
N SER A 21 5.84 -19.25 3.17
CA SER A 21 6.08 -20.31 2.19
CA SER A 21 6.08 -20.31 2.20
C SER A 21 7.22 -19.98 1.24
N VAL A 22 7.21 -18.77 0.68
CA VAL A 22 8.27 -18.38 -0.26
C VAL A 22 9.63 -18.32 0.45
N ASN A 23 9.66 -17.74 1.65
CA ASN A 23 10.91 -17.62 2.38
C ASN A 23 11.47 -18.97 2.81
N ALA A 24 10.59 -19.90 3.18
CA ALA A 24 11.03 -21.25 3.58
C ALA A 24 11.64 -22.03 2.42
N SER A 25 11.30 -21.66 1.18
CA SER A 25 11.86 -22.31 -0.01
C SER A 25 13.28 -21.84 -0.30
N LYS A 26 13.76 -20.84 0.45
CA LYS A 26 15.11 -20.27 0.27
C LYS A 26 15.39 -19.96 -1.20
N PRO A 27 14.67 -18.96 -1.75
CA PRO A 27 14.65 -18.74 -3.20
C PRO A 27 15.98 -18.29 -3.81
N SER A 28 16.88 -17.72 -3.01
CA SER A 28 18.17 -17.29 -3.55
C SER A 28 19.25 -18.37 -3.43
N GLU A 29 18.93 -19.45 -2.72
CA GLU A 29 19.86 -20.55 -2.53
C GLU A 29 19.55 -21.68 -3.51
N ARG A 30 19.81 -21.41 -4.79
CA ARG A 30 19.58 -22.38 -5.87
C ARG A 30 20.81 -22.50 -6.73
N GLY A 31 21.00 -23.67 -7.34
CA GLY A 31 22.08 -23.90 -8.30
C GLY A 31 22.01 -22.93 -9.46
N LEU A 32 20.81 -22.68 -9.96
CA LEU A 32 20.57 -21.65 -10.96
C LEU A 32 19.23 -20.99 -10.73
N VAL A 33 19.29 -19.72 -10.31
CA VAL A 33 18.11 -18.90 -10.10
C VAL A 33 17.54 -18.47 -11.45
N ARG A 34 16.22 -18.62 -11.61
CA ARG A 34 15.53 -18.31 -12.86
C ARG A 34 14.37 -17.34 -12.60
N GLN A 35 14.71 -16.17 -12.09
CA GLN A 35 13.76 -15.17 -11.61
C GLN A 35 12.73 -14.73 -12.64
N GLU A 36 13.17 -14.56 -13.89
CA GLU A 36 12.31 -14.14 -14.98
C GLU A 36 11.10 -15.06 -15.17
N GLU A 37 11.29 -16.36 -14.89
CA GLU A 37 10.21 -17.34 -15.02
C GLU A 37 9.04 -17.09 -14.07
N ALA A 38 9.30 -16.32 -13.01
CA ALA A 38 8.28 -16.03 -12.00
C ALA A 38 7.49 -14.75 -12.28
N GLU A 39 7.87 -14.02 -13.32
CA GLU A 39 7.18 -12.79 -13.69
C GLU A 39 5.75 -13.03 -14.13
N ASP A 40 4.84 -12.18 -13.69
CA ASP A 40 3.45 -12.23 -14.09
C ASP A 40 2.91 -10.80 -14.17
N PRO A 41 3.14 -10.13 -15.32
CA PRO A 41 2.78 -8.72 -15.49
C PRO A 41 1.28 -8.42 -15.35
N ALA A 42 0.46 -9.46 -15.52
CA ALA A 42 -1.00 -9.33 -15.37
C ALA A 42 -1.42 -9.13 -13.90
N CYS A 43 -0.53 -9.48 -12.98
CA CYS A 43 -0.75 -9.32 -11.54
C CYS A 43 -0.36 -7.94 -11.04
N ILE A 44 0.00 -7.03 -11.96
CA ILE A 44 0.33 -5.66 -11.60
C ILE A 44 -0.77 -5.05 -10.73
N PRO A 45 -0.42 -4.35 -9.64
CA PRO A 45 -1.47 -3.80 -8.79
C PRO A 45 -2.27 -2.71 -9.45
N ILE A 46 -3.50 -2.53 -8.97
CA ILE A 46 -4.35 -1.45 -9.41
C ILE A 46 -3.98 -0.15 -8.66
N PHE A 47 -3.70 -0.27 -7.37
CA PHE A 47 -3.39 0.89 -6.54
C PHE A 47 -2.11 0.70 -5.76
N TRP A 48 -1.39 1.81 -5.55
CA TRP A 48 -0.27 1.87 -4.61
C TRP A 48 -0.15 3.30 -4.11
N VAL A 49 0.62 3.49 -3.04
CA VAL A 49 0.88 4.80 -2.50
C VAL A 49 2.02 5.46 -3.29
N SER A 50 1.74 6.61 -3.88
CA SER A 50 2.71 7.29 -4.72
C SER A 50 3.45 8.43 -4.00
N LYS A 51 2.85 8.97 -2.96
CA LYS A 51 3.45 10.03 -2.13
C LYS A 51 2.92 9.91 -0.71
N TRP A 52 3.69 10.35 0.27
CA TRP A 52 3.21 10.38 1.66
C TRP A 52 3.93 11.42 2.52
N VAL A 53 3.20 11.89 3.54
CA VAL A 53 3.72 12.86 4.51
C VAL A 53 3.34 12.39 5.91
N ASP A 54 4.35 12.07 6.71
CA ASP A 54 4.13 11.74 8.13
C ASP A 54 4.16 13.01 8.96
N TYR A 55 2.97 13.58 9.19
CA TYR A 55 2.81 14.73 10.07
C TYR A 55 2.06 14.30 11.33
N SER A 56 2.38 13.10 11.80
CA SER A 56 1.68 12.53 12.95
C SER A 56 1.95 13.23 14.28
N ASP A 57 2.98 14.09 14.29
CA ASP A 57 3.27 14.93 15.46
C ASP A 57 2.13 15.93 15.72
N LYS A 58 1.36 16.23 14.69
CA LYS A 58 0.28 17.22 14.79
C LYS A 58 -1.09 16.76 14.27
N TYR A 59 -1.12 16.15 13.08
CA TYR A 59 -2.38 15.89 12.40
C TYR A 59 -2.62 14.44 12.02
N GLY A 60 -1.62 13.81 11.41
CA GLY A 60 -1.75 12.45 10.90
C GLY A 60 -0.86 12.18 9.71
N LEU A 61 -1.21 11.12 8.98
CA LEU A 61 -0.43 10.68 7.82
C LEU A 61 -1.24 10.97 6.56
N GLY A 62 -0.70 11.86 5.73
CA GLY A 62 -1.31 12.18 4.43
C GLY A 62 -0.63 11.39 3.33
N TYR A 63 -1.39 11.01 2.31
CA TYR A 63 -0.84 10.19 1.24
C TYR A 63 -1.59 10.42 -0.07
N GLN A 64 -0.91 10.10 -1.17
CA GLN A 64 -1.53 10.09 -2.49
C GLN A 64 -1.50 8.66 -3.01
N LEU A 65 -2.59 8.22 -3.64
CA LEU A 65 -2.58 6.97 -4.39
C LEU A 65 -2.25 7.27 -5.85
N CYS A 66 -1.81 6.25 -6.57
CA CYS A 66 -1.31 6.42 -7.94
C CYS A 66 -2.34 6.97 -8.95
N ASP A 67 -3.62 6.91 -8.59
CA ASP A 67 -4.70 7.46 -9.43
C ASP A 67 -4.95 8.94 -9.16
N ASN A 68 -4.12 9.53 -8.28
CA ASN A 68 -4.16 10.95 -7.92
C ASN A 68 -5.16 11.33 -6.83
N SER A 69 -5.91 10.34 -6.34
CA SER A 69 -6.71 10.52 -5.13
C SER A 69 -5.76 10.71 -3.94
N VAL A 70 -6.24 11.42 -2.92
CA VAL A 70 -5.46 11.64 -1.73
C VAL A 70 -6.25 11.18 -0.50
N GLY A 71 -5.54 10.90 0.57
CA GLY A 71 -6.16 10.50 1.82
C GLY A 71 -5.37 10.99 3.00
N VAL A 72 -6.05 11.07 4.15
CA VAL A 72 -5.38 11.32 5.42
C VAL A 72 -5.91 10.33 6.44
N LEU A 73 -5.00 9.69 7.17
CA LEU A 73 -5.36 8.96 8.38
C LEU A 73 -5.03 9.89 9.54
N PHE A 74 -6.07 10.45 10.14
CA PHE A 74 -5.90 11.42 11.23
C PHE A 74 -5.55 10.76 12.54
N ASN A 75 -5.00 11.54 13.47
CA ASN A 75 -4.57 11.05 14.76
C ASN A 75 -5.70 10.56 15.67
N ASP A 76 -6.95 10.85 15.30
CA ASP A 76 -8.12 10.37 16.01
C ASP A 76 -8.67 9.06 15.42
N SER A 77 -7.85 8.43 14.57
CA SER A 77 -8.20 7.15 13.92
C SER A 77 -9.38 7.27 12.95
N THR A 78 -9.55 8.44 12.37
CA THR A 78 -10.53 8.64 11.29
C THR A 78 -9.79 8.89 9.97
N ARG A 79 -10.49 8.64 8.87
CA ARG A 79 -9.91 8.77 7.54
C ARG A 79 -10.78 9.62 6.64
N LEU A 80 -10.13 10.45 5.84
CA LEU A 80 -10.82 11.25 4.85
C LEU A 80 -10.10 11.08 3.53
N ILE A 81 -10.86 10.73 2.49
CA ILE A 81 -10.26 10.59 1.17
C ILE A 81 -10.94 11.52 0.16
N LEU A 82 -10.12 12.15 -0.67
CA LEU A 82 -10.58 12.99 -1.75
C LEU A 82 -10.30 12.28 -3.07
N TYR A 83 -11.37 11.97 -3.82
CA TYR A 83 -11.23 11.29 -5.10
C TYR A 83 -10.51 12.17 -6.14
N ASN A 84 -10.06 11.56 -7.23
CA ASN A 84 -9.29 12.29 -8.24
C ASN A 84 -10.08 13.34 -9.06
N ASP A 85 -11.40 13.42 -8.84
CA ASP A 85 -12.20 14.49 -9.42
C ASP A 85 -11.98 15.82 -8.67
N GLY A 86 -11.32 15.73 -7.51
CA GLY A 86 -10.99 16.91 -6.70
C GLY A 86 -12.15 17.52 -5.96
N ASP A 87 -13.29 16.83 -5.94
CA ASP A 87 -14.50 17.38 -5.33
C ASP A 87 -15.16 16.41 -4.35
N SER A 88 -15.20 15.13 -4.72
CA SER A 88 -15.90 14.11 -3.94
C SER A 88 -15.04 13.57 -2.81
N LEU A 89 -15.66 13.43 -1.64
CA LEU A 89 -15.00 12.96 -0.43
C LEU A 89 -15.67 11.71 0.14
N GLN A 90 -14.85 10.85 0.75
CA GLN A 90 -15.32 9.73 1.54
C GLN A 90 -14.75 9.88 2.94
N TYR A 91 -15.61 9.79 3.95
CA TYR A 91 -15.17 9.87 5.34
C TYR A 91 -15.37 8.52 6.01
N ILE A 92 -14.30 8.02 6.63
CA ILE A 92 -14.31 6.74 7.32
C ILE A 92 -13.94 6.96 8.78
N GLU A 93 -14.80 6.54 9.69
CA GLU A 93 -14.53 6.68 11.12
C GLU A 93 -13.78 5.49 11.71
N ARG A 94 -13.62 5.48 13.03
CA ARG A 94 -12.84 4.47 13.73
C ARG A 94 -13.40 3.05 13.58
N ASP A 95 -14.72 2.93 13.54
CA ASP A 95 -15.40 1.64 13.38
C ASP A 95 -15.49 1.17 11.92
N GLY A 96 -14.92 1.96 11.02
CA GLY A 96 -14.90 1.61 9.59
C GLY A 96 -16.11 2.08 8.80
N THR A 97 -17.02 2.77 9.46
CA THR A 97 -18.24 3.31 8.84
C THR A 97 -17.88 4.38 7.80
N GLU A 98 -18.49 4.26 6.62
CA GLU A 98 -18.20 5.15 5.49
C GLU A 98 -19.36 6.09 5.19
N SER A 99 -19.04 7.37 4.98
CA SER A 99 -20.01 8.37 4.55
C SER A 99 -19.47 9.20 3.39
N TYR A 100 -20.36 9.90 2.69
CA TYR A 100 -19.98 10.63 1.47
C TYR A 100 -20.37 12.10 1.49
N LEU A 101 -19.51 12.94 0.92
CA LEU A 101 -19.66 14.39 0.97
C LEU A 101 -18.84 15.02 -0.15
N THR A 102 -18.88 16.36 -0.25
CA THR A 102 -18.04 17.09 -1.20
C THR A 102 -17.36 18.26 -0.50
N VAL A 103 -16.37 18.85 -1.17
CA VAL A 103 -15.61 19.97 -0.60
C VAL A 103 -16.48 21.21 -0.39
N SER A 104 -17.56 21.34 -1.16
CA SER A 104 -18.46 22.47 -1.05
C SER A 104 -19.75 22.15 -0.28
N SER A 105 -20.00 20.86 -0.05
CA SER A 105 -21.21 20.41 0.64
C SER A 105 -20.90 19.30 1.64
N HIS A 106 -20.72 19.68 2.90
CA HIS A 106 -20.25 18.76 3.94
C HIS A 106 -20.75 19.15 5.33
N PRO A 107 -20.71 18.19 6.29
CA PRO A 107 -21.01 18.55 7.68
C PRO A 107 -20.00 19.55 8.22
N ASN A 108 -20.46 20.50 9.00
CA ASN A 108 -19.60 21.55 9.56
C ASN A 108 -18.50 21.00 10.46
N SER A 109 -18.78 19.90 11.14
CA SER A 109 -17.83 19.28 12.07
C SER A 109 -16.57 18.77 11.37
N LEU A 110 -16.65 18.58 10.05
CA LEU A 110 -15.51 18.09 9.25
C LEU A 110 -14.69 19.19 8.59
N MET A 111 -15.02 20.46 8.86
CA MET A 111 -14.34 21.60 8.23
CA MET A 111 -14.34 21.58 8.20
C MET A 111 -12.82 21.55 8.42
N LYS A 112 -12.38 21.33 9.65
CA LYS A 112 -10.94 21.28 9.95
C LYS A 112 -10.25 20.16 9.17
N LYS A 113 -10.85 18.98 9.18
CA LYS A 113 -10.29 17.82 8.50
C LYS A 113 -10.21 18.02 6.98
N ILE A 114 -11.22 18.67 6.40
CA ILE A 114 -11.20 18.98 4.97
C ILE A 114 -10.10 20.00 4.64
N THR A 115 -9.99 21.06 5.45
CA THR A 115 -8.92 22.05 5.29
C THR A 115 -7.53 21.40 5.37
N LEU A 116 -7.34 20.52 6.35
CA LEU A 116 -6.08 19.81 6.52
C LEU A 116 -5.76 18.90 5.34
N LEU A 117 -6.77 18.19 4.85
CA LEU A 117 -6.59 17.34 3.67
C LEU A 117 -6.10 18.16 2.48
N LYS A 118 -6.71 19.34 2.26
CA LYS A 118 -6.29 20.23 1.19
C LYS A 118 -4.83 20.68 1.36
N TYR A 119 -4.43 20.98 2.60
CA TYR A 119 -3.04 21.32 2.90
C TYR A 119 -2.09 20.17 2.54
N PHE A 120 -2.44 18.96 2.95
CA PHE A 120 -1.68 17.76 2.58
C PHE A 120 -1.58 17.61 1.06
N ARG A 121 -2.71 17.74 0.37
CA ARG A 121 -2.78 17.59 -1.08
C ARG A 121 -1.85 18.58 -1.79
N ASN A 122 -1.93 19.86 -1.40
CA ASN A 122 -1.10 20.91 -1.97
C ASN A 122 0.38 20.72 -1.69
N TYR A 123 0.70 20.28 -0.47
CA TYR A 123 2.08 20.05 -0.06
C TYR A 123 2.72 18.96 -0.92
N MET A 124 2.02 17.85 -1.08
CA MET A 124 2.52 16.71 -1.87
C MET A 124 2.70 17.09 -3.33
N SER A 125 1.76 17.88 -3.86
CA SER A 125 1.84 18.37 -5.24
C SER A 125 3.04 19.29 -5.46
N GLU A 126 3.31 20.14 -4.47
CA GLU A 126 4.38 21.14 -4.59
C GLU A 126 5.78 20.55 -4.38
N HIS A 127 5.90 19.53 -3.54
CA HIS A 127 7.21 19.09 -3.03
C HIS A 127 7.67 17.68 -3.39
N LEU A 128 6.74 16.77 -3.66
CA LEU A 128 7.07 15.34 -3.69
C LEU A 128 6.96 14.65 -5.05
N LEU A 129 7.87 13.70 -5.28
CA LEU A 129 7.93 12.91 -6.50
C LEU A 129 6.92 11.78 -6.48
N LYS A 130 6.28 11.52 -7.62
CA LYS A 130 5.29 10.46 -7.71
C LYS A 130 5.94 9.09 -7.97
N ALA A 131 5.79 8.17 -7.02
CA ALA A 131 6.33 6.81 -7.17
C ALA A 131 5.52 6.00 -8.18
N GLY A 132 6.22 5.19 -8.97
CA GLY A 132 5.58 4.36 -9.99
C GLY A 132 4.96 5.15 -11.13
N ALA A 133 5.53 6.33 -11.40
CA ALA A 133 5.07 7.18 -12.48
C ALA A 133 5.21 6.50 -13.85
N ASN A 134 6.23 5.64 -13.97
CA ASN A 134 6.47 4.85 -15.18
C ASN A 134 5.65 3.56 -15.25
N ILE A 135 4.86 3.30 -14.21
CA ILE A 135 4.02 2.10 -14.15
C ILE A 135 2.60 2.44 -14.57
N THR A 136 2.08 1.69 -15.54
CA THR A 136 0.66 1.76 -15.87
C THR A 136 -0.06 0.73 -14.98
N PRO A 137 -0.93 1.22 -14.07
CA PRO A 137 -1.66 0.32 -13.17
C PRO A 137 -2.60 -0.62 -13.93
N ARG A 138 -3.05 -1.68 -13.25
CA ARG A 138 -3.96 -2.64 -13.85
C ARG A 138 -5.23 -1.93 -14.34
N GLU A 139 -5.69 -2.34 -15.52
CA GLU A 139 -6.87 -1.74 -16.14
C GLU A 139 -8.08 -1.90 -15.22
N GLY A 140 -8.92 -0.87 -15.20
CA GLY A 140 -10.17 -0.89 -14.44
C GLY A 140 -10.08 -0.31 -13.04
N ASP A 141 -9.15 0.63 -12.83
CA ASP A 141 -9.02 1.27 -11.51
C ASP A 141 -10.25 2.10 -11.13
N GLU A 142 -10.90 2.71 -12.13
CA GLU A 142 -12.16 3.42 -11.89
C GLU A 142 -13.29 2.47 -11.46
N LEU A 143 -13.19 1.21 -11.85
CA LEU A 143 -14.23 0.23 -11.54
C LEU A 143 -13.98 -0.52 -10.23
N ALA A 144 -12.76 -0.43 -9.72
CA ALA A 144 -12.36 -1.10 -8.48
C ALA A 144 -12.75 -0.28 -7.25
N ARG A 145 -12.82 -0.95 -6.10
CA ARG A 145 -13.08 -0.25 -4.84
C ARG A 145 -11.81 0.47 -4.40
N LEU A 146 -11.87 1.79 -4.38
CA LEU A 146 -10.74 2.61 -3.94
C LEU A 146 -10.42 2.29 -2.48
N PRO A 147 -9.17 1.86 -2.21
CA PRO A 147 -8.79 1.52 -0.84
C PRO A 147 -8.41 2.75 -0.04
N TYR A 148 -8.48 2.61 1.28
CA TYR A 148 -7.96 3.61 2.21
C TYR A 148 -6.82 3.02 3.03
N LEU A 149 -6.07 3.89 3.70
CA LEU A 149 -4.98 3.45 4.56
C LEU A 149 -5.52 2.92 5.89
N ARG A 150 -5.40 1.62 6.10
CA ARG A 150 -5.85 0.99 7.33
C ARG A 150 -4.86 1.23 8.47
N THR A 151 -3.60 0.91 8.21
CA THR A 151 -2.54 0.89 9.21
C THR A 151 -1.24 1.35 8.57
N TRP A 152 -0.36 1.96 9.36
CA TRP A 152 1.00 2.24 8.91
C TRP A 152 1.95 2.36 10.08
N PHE A 153 3.23 2.13 9.80
CA PHE A 153 4.28 2.43 10.76
C PHE A 153 5.62 2.61 10.05
N ARG A 154 6.55 3.26 10.73
CA ARG A 154 7.90 3.43 10.23
C ARG A 154 8.89 2.67 11.10
N THR A 155 9.85 2.04 10.45
CA THR A 155 11.01 1.47 11.15
C THR A 155 12.19 2.39 10.86
N ARG A 156 13.37 1.98 11.31
CA ARG A 156 14.61 2.65 10.98
C ARG A 156 14.81 2.80 9.46
N SER A 157 14.39 1.79 8.71
CA SER A 157 14.77 1.69 7.30
CA SER A 157 14.76 1.68 7.30
C SER A 157 13.62 1.75 6.30
N ALA A 158 12.38 1.68 6.77
CA ALA A 158 11.24 1.61 5.86
C ALA A 158 9.96 2.18 6.44
N ILE A 159 9.02 2.52 5.55
CA ILE A 159 7.63 2.78 5.93
C ILE A 159 6.77 1.64 5.41
N ILE A 160 5.85 1.17 6.26
CA ILE A 160 4.99 0.04 5.97
C ILE A 160 3.58 0.58 5.89
N LEU A 161 2.91 0.39 4.76
CA LEU A 161 1.60 0.96 4.48
C LEU A 161 0.62 -0.17 4.18
N HIS A 162 -0.40 -0.31 5.03
CA HIS A 162 -1.39 -1.38 4.87
C HIS A 162 -2.71 -0.81 4.37
N LEU A 163 -3.08 -1.17 3.16
CA LEU A 163 -4.30 -0.69 2.51
C LEU A 163 -5.48 -1.61 2.78
N SER A 164 -6.69 -1.03 2.73
CA SER A 164 -7.92 -1.73 3.06
C SER A 164 -8.30 -2.83 2.05
N ASN A 165 -7.67 -2.80 0.88
CA ASN A 165 -7.84 -3.87 -0.10
C ASN A 165 -6.92 -5.08 0.16
N GLY A 166 -6.18 -5.03 1.26
CA GLY A 166 -5.30 -6.13 1.65
C GLY A 166 -3.85 -5.96 1.23
N SER A 167 -3.59 -4.99 0.35
CA SER A 167 -2.22 -4.73 -0.10
C SER A 167 -1.35 -4.17 1.03
N VAL A 168 -0.08 -4.57 1.04
CA VAL A 168 0.91 -4.02 1.97
C VAL A 168 2.06 -3.50 1.13
N GLN A 169 2.39 -2.22 1.33
CA GLN A 169 3.47 -1.58 0.60
C GLN A 169 4.60 -1.24 1.58
N ILE A 170 5.83 -1.55 1.19
CA ILE A 170 7.00 -1.25 2.00
C ILE A 170 7.96 -0.42 1.16
N ASN A 171 8.21 0.82 1.59
CA ASN A 171 9.15 1.72 0.92
C ASN A 171 10.41 1.81 1.76
N PHE A 172 11.55 1.45 1.16
CA PHE A 172 12.82 1.51 1.85
C PHE A 172 13.47 2.88 1.64
N PHE A 173 13.83 3.55 2.75
CA PHE A 173 14.27 4.94 2.72
C PHE A 173 15.58 5.21 2.00
N GLN A 174 16.59 4.40 2.31
CA GLN A 174 17.97 4.64 1.87
C GLN A 174 18.15 4.50 0.35
N ASP A 175 17.69 3.37 -0.19
CA ASP A 175 17.92 3.07 -1.61
C ASP A 175 16.70 3.33 -2.50
N HIS A 176 15.59 3.74 -1.89
CA HIS A 176 14.36 4.10 -2.60
C HIS A 176 13.67 2.91 -3.28
N THR A 177 14.06 1.70 -2.89
CA THR A 177 13.41 0.49 -3.39
C THR A 177 12.07 0.29 -2.69
N LYS A 178 11.13 -0.36 -3.36
CA LYS A 178 9.78 -0.51 -2.85
C LYS A 178 9.20 -1.88 -3.20
N LEU A 179 8.38 -2.40 -2.29
CA LEU A 179 7.63 -3.64 -2.49
C LEU A 179 6.14 -3.33 -2.40
N ILE A 180 5.35 -3.88 -3.31
CA ILE A 180 3.90 -3.85 -3.19
C ILE A 180 3.42 -5.30 -3.18
N LEU A 181 2.90 -5.73 -2.03
CA LEU A 181 2.45 -7.10 -1.82
C LEU A 181 0.94 -7.19 -1.87
N CYS A 182 0.43 -8.12 -2.68
CA CYS A 182 -1.01 -8.35 -2.73
C CYS A 182 -1.34 -9.81 -2.42
N PRO A 183 -2.16 -10.06 -1.39
CA PRO A 183 -2.48 -11.43 -1.02
C PRO A 183 -3.58 -12.06 -1.88
N LEU A 184 -4.32 -11.23 -2.62
CA LEU A 184 -5.35 -11.71 -3.53
CA LEU A 184 -5.35 -11.72 -3.53
C LEU A 184 -4.69 -12.35 -4.75
N MET A 185 -3.71 -11.64 -5.31
CA MET A 185 -2.94 -12.14 -6.44
C MET A 185 -1.82 -13.07 -5.98
N ALA A 186 -1.52 -13.04 -4.68
CA ALA A 186 -0.36 -13.72 -4.10
C ALA A 186 0.89 -13.36 -4.91
N ALA A 187 1.12 -12.05 -4.99
CA ALA A 187 2.12 -11.48 -5.88
C ALA A 187 2.88 -10.37 -5.19
N VAL A 188 4.08 -10.09 -5.69
CA VAL A 188 4.86 -8.95 -5.23
C VAL A 188 5.37 -8.16 -6.43
N THR A 189 5.23 -6.84 -6.34
CA THR A 189 5.85 -5.93 -7.30
C THR A 189 7.05 -5.28 -6.64
N TYR A 190 8.20 -5.39 -7.29
CA TYR A 190 9.44 -4.80 -6.79
C TYR A 190 9.86 -3.63 -7.66
N ILE A 191 10.03 -2.48 -7.03
CA ILE A 191 10.55 -1.29 -7.70
C ILE A 191 12.00 -1.11 -7.25
N ASP A 192 12.95 -1.26 -8.17
CA ASP A 192 14.38 -1.21 -7.82
C ASP A 192 14.93 0.22 -7.78
N GLU A 193 16.22 0.34 -7.45
CA GLU A 193 16.87 1.64 -7.29
C GLU A 193 16.85 2.50 -8.56
N LYS A 194 16.75 1.85 -9.72
CA LYS A 194 16.70 2.54 -11.01
C LYS A 194 15.26 2.85 -11.44
N ARG A 195 14.31 2.52 -10.58
CA ARG A 195 12.86 2.72 -10.81
C ARG A 195 12.27 1.74 -11.83
N ASP A 196 13.08 0.76 -12.24
CA ASP A 196 12.58 -0.36 -13.03
C ASP A 196 11.71 -1.23 -12.14
N PHE A 197 10.69 -1.85 -12.73
CA PHE A 197 9.72 -2.61 -11.94
C PHE A 197 9.39 -3.95 -12.57
N ARG A 198 9.10 -4.92 -11.70
CA ARG A 198 8.70 -6.26 -12.10
C ARG A 198 7.67 -6.79 -11.11
N THR A 199 6.69 -7.54 -11.60
CA THR A 199 5.71 -8.21 -10.75
C THR A 199 5.90 -9.72 -10.83
N TYR A 200 5.93 -10.36 -9.67
CA TYR A 200 6.18 -11.80 -9.56
C TYR A 200 5.06 -12.49 -8.81
N ARG A 201 4.70 -13.69 -9.25
CA ARG A 201 3.83 -14.56 -8.47
C ARG A 201 4.69 -15.27 -7.43
N LEU A 202 4.29 -15.18 -6.16
CA LEU A 202 5.09 -15.74 -5.07
C LEU A 202 5.33 -17.25 -5.18
N SER A 203 4.31 -17.99 -5.60
CA SER A 203 4.44 -19.45 -5.79
C SER A 203 5.46 -19.79 -6.87
N LEU A 204 5.60 -18.91 -7.86
CA LEU A 204 6.59 -19.10 -8.92
C LEU A 204 7.99 -18.74 -8.45
N LEU A 205 8.10 -17.78 -7.51
CA LEU A 205 9.38 -17.50 -6.88
C LEU A 205 9.86 -18.70 -6.07
N GLU A 206 8.93 -19.43 -5.44
CA GLU A 206 9.24 -20.68 -4.76
C GLU A 206 9.84 -21.69 -5.74
N GLU A 207 9.19 -21.83 -6.89
CA GLU A 207 9.62 -22.81 -7.89
C GLU A 207 10.95 -22.44 -8.54
N TYR A 208 11.08 -21.19 -8.95
CA TYR A 208 12.18 -20.77 -9.82
C TYR A 208 13.30 -19.99 -9.13
N GLY A 209 13.02 -19.46 -7.95
CA GLY A 209 14.01 -18.71 -7.19
C GLY A 209 14.04 -17.23 -7.52
N CYS A 210 14.86 -16.47 -6.80
CA CYS A 210 15.10 -15.06 -7.11
C CYS A 210 16.44 -14.60 -6.55
N CYS A 211 16.84 -13.40 -6.94
CA CYS A 211 18.12 -12.83 -6.49
C CYS A 211 18.09 -12.50 -5.01
N LYS A 212 19.29 -12.35 -4.44
CA LYS A 212 19.46 -12.01 -3.02
C LYS A 212 18.79 -10.70 -2.65
N GLU A 213 18.80 -9.73 -3.56
CA GLU A 213 18.21 -8.42 -3.30
C GLU A 213 16.71 -8.55 -3.00
N LEU A 214 15.99 -9.27 -3.84
CA LEU A 214 14.56 -9.47 -3.61
C LEU A 214 14.30 -10.42 -2.44
N ALA A 215 15.08 -11.49 -2.34
CA ALA A 215 14.87 -12.49 -1.28
C ALA A 215 15.04 -11.88 0.11
N SER A 216 16.06 -11.03 0.27
CA SER A 216 16.29 -10.38 1.56
C SER A 216 15.16 -9.43 1.92
N ARG A 217 14.64 -8.72 0.92
CA ARG A 217 13.53 -7.80 1.16
C ARG A 217 12.23 -8.53 1.49
N LEU A 218 12.06 -9.73 0.94
CA LEU A 218 10.91 -10.57 1.28
C LEU A 218 11.00 -11.16 2.70
N ARG A 219 12.22 -11.44 3.16
CA ARG A 219 12.41 -11.81 4.57
C ARG A 219 12.02 -10.67 5.50
N TYR A 220 12.46 -9.46 5.16
CA TYR A 220 12.09 -8.25 5.92
C TYR A 220 10.57 -8.07 5.89
N ALA A 221 9.97 -8.28 4.71
CA ALA A 221 8.52 -8.11 4.54
C ALA A 221 7.75 -9.03 5.47
N ARG A 222 8.18 -10.28 5.59
CA ARG A 222 7.54 -11.22 6.51
C ARG A 222 7.55 -10.69 7.94
N THR A 223 8.70 -10.17 8.38
CA THR A 223 8.82 -9.57 9.70
C THR A 223 7.81 -8.42 9.86
N MET A 224 7.66 -7.61 8.80
CA MET A 224 6.76 -6.46 8.84
C MET A 224 5.30 -6.88 8.92
N VAL A 225 4.95 -7.96 8.20
CA VAL A 225 3.58 -8.46 8.22
C VAL A 225 3.26 -9.06 9.59
N ASP A 226 4.23 -9.72 10.21
CA ASP A 226 4.08 -10.20 11.58
C ASP A 226 3.78 -9.04 12.53
N LYS A 227 4.47 -7.92 12.35
CA LYS A 227 4.24 -6.71 13.15
C LYS A 227 2.82 -6.18 12.96
N LEU A 228 2.33 -6.19 11.71
CA LEU A 228 0.96 -5.76 11.41
C LEU A 228 -0.09 -6.66 12.07
N LEU A 229 0.22 -7.95 12.19
CA LEU A 229 -0.69 -8.91 12.79
C LEU A 229 -0.63 -8.89 14.32
N SER A 230 0.49 -8.42 14.86
CA SER A 230 0.69 -8.36 16.32
C SER A 230 -0.19 -7.28 16.94
N MET B 2 8.41 12.93 8.89
CA MET B 2 9.06 12.38 7.71
C MET B 2 8.18 12.56 6.47
N GLN B 3 8.80 12.59 5.29
CA GLN B 3 8.08 12.64 4.02
C GLN B 3 8.72 11.69 3.01
N SER B 4 7.96 11.37 1.96
CA SER B 4 8.48 10.56 0.87
C SER B 4 9.47 11.36 0.02
N PRO B 6 11.40 13.69 -2.34
CA PRO B 6 11.08 15.00 -2.90
C PRO B 6 11.38 15.10 -4.40
N LEU B 7 10.78 16.08 -5.06
CA LEU B 7 11.07 16.39 -6.45
C LEU B 7 12.54 16.76 -6.62
#